data_3II7
#
_entry.id   3II7
#
_cell.length_a   76.435
_cell.length_b   50.905
_cell.length_c   87.500
_cell.angle_alpha   90.00
_cell.angle_beta   113.19
_cell.angle_gamma   90.00
#
_symmetry.space_group_name_H-M   'C 1 2 1'
#
loop_
_entity.id
_entity.type
_entity.pdbx_description
1 polymer 'Kelch-like protein 7'
2 non-polymer 1,2-ETHANEDIOL
3 water water
#
_entity_poly.entity_id   1
_entity_poly.type   'polypeptide(L)'
_entity_poly.pdbx_seq_one_letter_code
;SMGTRPRRKKHDYRIALFGGSQPQSCRYFNPKDYSWTDIRCPFEKRRDAACVFWDNVVYILGGSQLFPIKRMDCYNVVKD
SWYSKLGPPTPRDSLAACAAEGKIYTSGGSEVGNSALYLFECYDTRTESWHTKPSMLTQRCSHGMVEANGLIYVCGGSLG
NNVSGRVLNSCEVYDPATETWTELCPMIEARKNHGLVFVKDKIFAVGGQNGLGGLDNVEYYDIKLNEWKMVSPMPWKGVT
VKCAAVGSIVYVLAGFQGVGRLGHILEYNTETDKWVANSKVRAFPVTSCLICVVDTCGANEETLET
;
_entity_poly.pdbx_strand_id   A
#
loop_
_chem_comp.id
_chem_comp.type
_chem_comp.name
_chem_comp.formula
EDO non-polymer 1,2-ETHANEDIOL 'C2 H6 O2'
#
# COMPACT_ATOMS: atom_id res chain seq x y z
N LYS A 10 -19.48 9.61 14.84
CA LYS A 10 -19.26 8.20 14.40
C LYS A 10 -17.80 8.00 13.92
N HIS A 11 -17.59 7.96 12.60
CA HIS A 11 -16.25 7.70 12.03
C HIS A 11 -15.34 8.92 12.16
N ASP A 12 -14.04 8.67 12.23
CA ASP A 12 -13.06 9.73 12.42
C ASP A 12 -11.74 9.30 11.80
N TYR A 13 -11.59 9.59 10.51
CA TYR A 13 -10.50 9.03 9.73
C TYR A 13 -9.21 9.84 9.83
N ARG A 14 -8.11 9.12 9.81
CA ARG A 14 -6.76 9.68 9.71
C ARG A 14 -6.02 8.83 8.75
N ILE A 15 -4.98 9.39 8.16
CA ILE A 15 -4.01 8.62 7.37
C ILE A 15 -2.75 8.51 8.22
N ALA A 16 -2.36 7.29 8.54
CA ALA A 16 -1.23 7.04 9.45
C ALA A 16 -0.02 6.65 8.64
N LEU A 17 1.11 7.28 8.95
CA LEU A 17 2.38 7.02 8.27
C LEU A 17 3.38 6.52 9.29
N PHE A 18 4.05 5.41 8.97
CA PHE A 18 5.02 4.80 9.90
C PHE A 18 6.38 4.72 9.30
N GLY A 19 7.37 5.30 10.00
CA GLY A 19 8.72 5.40 9.50
C GLY A 19 9.80 5.18 10.50
N GLY A 20 9.52 4.40 11.55
CA GLY A 20 10.55 4.02 12.51
C GLY A 20 10.38 4.67 13.85
N SER A 21 11.50 4.81 14.56
CA SER A 21 11.48 5.23 15.96
C SER A 21 12.10 6.61 16.22
N GLN A 22 12.59 7.29 15.18
CA GLN A 22 13.12 8.66 15.35
CA GLN A 22 13.12 8.64 15.35
C GLN A 22 11.99 9.63 15.59
N PRO A 23 12.29 10.76 16.27
CA PRO A 23 11.21 11.73 16.45
C PRO A 23 10.55 12.16 15.14
N GLN A 24 9.22 12.27 15.19
CA GLN A 24 8.38 12.68 14.06
C GLN A 24 8.41 11.71 12.90
N SER A 25 8.89 10.48 13.11
CA SER A 25 8.99 9.51 12.02
CA SER A 25 9.00 9.50 12.02
C SER A 25 7.73 8.64 11.86
N CYS A 26 6.81 8.74 12.84
CA CYS A 26 5.45 8.16 12.65
C CYS A 26 4.44 9.25 13.00
N ARG A 27 3.47 9.47 12.10
CA ARG A 27 2.53 10.58 12.26
C ARG A 27 1.18 10.27 11.63
N TYR A 28 0.14 10.90 12.18
CA TYR A 28 -1.15 10.94 11.53
C TYR A 28 -1.24 12.21 10.72
N PHE A 29 -1.75 12.08 9.52
CA PHE A 29 -2.28 13.19 8.75
C PHE A 29 -3.80 13.23 8.90
N ASN A 30 -4.35 14.41 9.22
CA ASN A 30 -5.79 14.57 9.34
C ASN A 30 -6.33 15.37 8.15
N PRO A 31 -7.04 14.70 7.21
CA PRO A 31 -7.51 15.40 6.01
C PRO A 31 -8.47 16.56 6.31
N LYS A 32 -9.17 16.52 7.46
CA LYS A 32 -10.11 17.55 7.80
C LYS A 32 -9.46 18.90 8.09
N ASP A 33 -8.29 18.88 8.74
CA ASP A 33 -7.66 20.15 9.12
C ASP A 33 -6.21 20.31 8.61
N TYR A 34 -5.77 19.33 7.82
CA TYR A 34 -4.42 19.27 7.25
C TYR A 34 -3.28 19.21 8.27
N SER A 35 -3.58 18.74 9.47
CA SER A 35 -2.59 18.69 10.52
C SER A 35 -1.81 17.36 10.50
N TRP A 36 -0.59 17.43 11.01
CA TRP A 36 0.26 16.27 11.27
C TRP A 36 0.42 16.14 12.78
N THR A 37 0.20 14.91 13.29
CA THR A 37 0.35 14.65 14.72
C THR A 37 1.21 13.43 14.97
N ASP A 38 2.16 13.56 15.88
CA ASP A 38 3.08 12.46 16.23
C ASP A 38 2.40 11.21 16.81
N ILE A 39 2.88 10.04 16.36
CA ILE A 39 2.59 8.74 16.95
C ILE A 39 3.90 8.20 17.53
N ARG A 40 3.92 7.92 18.82
CA ARG A 40 5.09 7.31 19.44
C ARG A 40 5.21 5.85 18.99
N CYS A 41 6.41 5.47 18.52
CA CYS A 41 6.70 4.12 18.03
C CYS A 41 8.04 3.69 18.58
N PRO A 42 8.07 2.58 19.31
CA PRO A 42 9.31 2.12 19.92
C PRO A 42 10.08 1.07 19.07
N PHE A 43 9.68 0.92 17.81
CA PHE A 43 10.32 -0.04 16.88
C PHE A 43 11.04 0.67 15.76
N GLU A 44 12.22 0.15 15.43
CA GLU A 44 13.04 0.71 14.36
C GLU A 44 12.40 0.45 13.00
N LYS A 45 12.79 1.26 12.01
CA LYS A 45 12.31 1.14 10.66
C LYS A 45 12.56 -0.25 10.13
N ARG A 46 11.58 -0.75 9.37
CA ARG A 46 11.71 -1.96 8.59
C ARG A 46 11.96 -1.58 7.14
N ARG A 47 12.77 -2.39 6.45
CA ARG A 47 12.93 -2.28 5.00
C ARG A 47 11.86 -3.10 4.28
N ASP A 48 11.13 -2.45 3.37
CA ASP A 48 10.23 -3.14 2.45
C ASP A 48 9.18 -4.02 3.16
N ALA A 49 8.56 -3.47 4.20
CA ALA A 49 7.43 -4.15 4.89
C ALA A 49 6.08 -3.69 4.32
N ALA A 50 5.01 -4.09 4.99
CA ALA A 50 3.64 -3.72 4.63
C ALA A 50 2.86 -3.43 5.88
N CYS A 51 1.77 -2.66 5.73
CA CYS A 51 0.89 -2.41 6.87
C CYS A 51 -0.56 -2.52 6.46
N VAL A 52 -1.43 -2.73 7.44
CA VAL A 52 -2.85 -2.86 7.17
CA VAL A 52 -2.87 -2.88 7.19
C VAL A 52 -3.61 -2.51 8.44
N PHE A 53 -4.78 -1.90 8.27
CA PHE A 53 -5.61 -1.54 9.39
C PHE A 53 -6.84 -2.41 9.46
N TRP A 54 -7.16 -2.90 10.67
CA TRP A 54 -8.44 -3.59 10.92
C TRP A 54 -8.86 -3.40 12.37
N ASP A 55 -10.11 -2.98 12.58
CA ASP A 55 -10.74 -2.94 13.92
C ASP A 55 -9.80 -2.37 15.01
N ASN A 56 -9.46 -1.11 14.80
CA ASN A 56 -8.65 -0.31 15.72
C ASN A 56 -7.16 -0.64 15.82
N VAL A 57 -6.68 -1.54 14.98
CA VAL A 57 -5.28 -1.99 15.00
C VAL A 57 -4.59 -1.83 13.64
N VAL A 58 -3.40 -1.20 13.67
CA VAL A 58 -2.47 -1.18 12.53
C VAL A 58 -1.52 -2.34 12.71
N TYR A 59 -1.49 -3.24 11.72
CA TYR A 59 -0.54 -4.36 11.71
C TYR A 59 0.61 -4.03 10.77
N ILE A 60 1.83 -4.16 11.29
CA ILE A 60 3.05 -3.94 10.51
C ILE A 60 3.73 -5.29 10.38
N LEU A 61 3.92 -5.74 9.14
CA LEU A 61 4.37 -7.11 8.89
C LEU A 61 5.33 -7.20 7.71
N GLY A 62 6.15 -8.26 7.72
CA GLY A 62 7.13 -8.48 6.67
C GLY A 62 8.30 -7.52 6.74
N GLY A 63 9.10 -7.51 5.69
CA GLY A 63 10.25 -6.67 5.64
C GLY A 63 11.44 -7.23 6.39
N SER A 64 12.48 -6.43 6.42
CA SER A 64 13.76 -6.87 6.97
CA SER A 64 13.78 -6.87 6.96
C SER A 64 14.50 -5.72 7.62
N GLN A 65 15.48 -6.10 8.44
CA GLN A 65 16.50 -5.20 8.94
C GLN A 65 17.83 -5.86 8.53
N LEU A 66 18.61 -6.41 9.47
CA LEU A 66 19.77 -7.23 9.09
C LEU A 66 19.31 -8.57 8.47
N PHE A 67 18.19 -9.09 8.98
CA PHE A 67 17.62 -10.36 8.53
C PHE A 67 16.12 -10.15 8.31
N PRO A 68 15.45 -11.13 7.68
CA PRO A 68 13.98 -11.07 7.55
C PRO A 68 13.30 -11.05 8.92
N ILE A 69 12.31 -10.18 9.09
CA ILE A 69 11.61 -10.04 10.38
C ILE A 69 10.46 -11.02 10.48
N LYS A 70 10.38 -11.72 11.62
CA LYS A 70 9.38 -12.77 11.81
C LYS A 70 8.23 -12.34 12.74
N ARG A 71 8.36 -11.15 13.33
CA ARG A 71 7.39 -10.60 14.23
C ARG A 71 6.46 -9.62 13.50
N MET A 72 5.20 -9.58 13.94
CA MET A 72 4.20 -8.57 13.46
C MET A 72 4.00 -7.59 14.59
N ASP A 73 4.24 -6.32 14.32
CA ASP A 73 4.05 -5.28 15.35
C ASP A 73 2.69 -4.63 15.14
N CYS A 74 1.96 -4.43 16.23
CA CYS A 74 0.56 -4.03 16.15
C CYS A 74 0.35 -2.79 16.98
N TYR A 75 -0.29 -1.80 16.40
CA TYR A 75 -0.56 -0.55 17.10
C TYR A 75 -2.05 -0.37 17.27
N ASN A 76 -2.51 -0.40 18.52
CA ASN A 76 -3.89 -0.13 18.83
C ASN A 76 -4.09 1.40 18.85
N VAL A 77 -4.83 1.90 17.88
CA VAL A 77 -4.97 3.35 17.69
C VAL A 77 -5.77 4.05 18.79
N VAL A 78 -6.68 3.33 19.42
CA VAL A 78 -7.52 3.89 20.47
C VAL A 78 -6.78 3.95 21.81
N LYS A 79 -6.05 2.89 22.14
CA LYS A 79 -5.26 2.83 23.36
C LYS A 79 -3.86 3.49 23.21
N ASP A 80 -3.44 3.80 21.99
CA ASP A 80 -2.10 4.36 21.74
C ASP A 80 -1.05 3.44 22.34
N SER A 81 -1.13 2.16 22.02
CA SER A 81 -0.22 1.18 22.58
C SER A 81 0.15 0.14 21.54
N TRP A 82 1.33 -0.46 21.76
CA TRP A 82 1.89 -1.42 20.84
C TRP A 82 1.93 -2.80 21.45
N TYR A 83 1.75 -3.79 20.60
CA TYR A 83 1.98 -5.18 20.98
C TYR A 83 2.50 -5.99 19.81
N SER A 84 2.97 -7.21 20.07
CA SER A 84 3.56 -8.00 18.98
C SER A 84 3.05 -9.42 18.94
N LYS A 85 2.84 -9.91 17.73
CA LYS A 85 2.43 -11.28 17.46
C LYS A 85 3.43 -11.90 16.49
N LEU A 86 3.29 -13.19 16.17
CA LEU A 86 4.18 -13.78 15.20
C LEU A 86 3.62 -13.47 13.82
N GLY A 87 4.51 -13.14 12.90
CA GLY A 87 4.16 -12.53 11.64
C GLY A 87 3.88 -13.57 10.61
N PRO A 88 3.99 -13.19 9.31
CA PRO A 88 3.62 -14.19 8.36
C PRO A 88 4.54 -15.39 8.50
N PRO A 89 3.99 -16.59 8.32
CA PRO A 89 4.75 -17.82 8.34
C PRO A 89 5.98 -17.76 7.44
N THR A 90 5.89 -17.06 6.31
CA THR A 90 7.02 -16.91 5.38
C THR A 90 7.47 -15.46 5.40
N PRO A 91 8.56 -15.16 6.12
CA PRO A 91 9.05 -13.79 6.11
C PRO A 91 9.52 -13.42 4.71
N ARG A 92 9.18 -12.20 4.31
CA ARG A 92 9.49 -11.74 2.95
C ARG A 92 9.37 -10.21 2.86
N ASP A 93 10.07 -9.66 1.88
CA ASP A 93 10.11 -8.23 1.62
C ASP A 93 9.21 -7.90 0.43
N SER A 94 8.74 -6.66 0.39
CA SER A 94 8.00 -6.10 -0.77
C SER A 94 6.68 -6.85 -1.02
N LEU A 95 6.16 -7.43 0.05
CA LEU A 95 4.81 -8.04 0.04
C LEU A 95 3.77 -6.92 0.14
N ALA A 96 2.52 -7.26 -0.16
CA ALA A 96 1.42 -6.34 -0.02
C ALA A 96 0.45 -6.94 1.00
N ALA A 97 -0.35 -6.08 1.60
CA ALA A 97 -1.31 -6.51 2.60
C ALA A 97 -2.58 -5.70 2.56
N CYS A 98 -3.70 -6.34 2.94
CA CYS A 98 -4.96 -5.67 3.11
C CYS A 98 -5.82 -6.47 4.08
N ALA A 99 -6.99 -5.94 4.46
CA ALA A 99 -7.87 -6.64 5.39
C ALA A 99 -9.26 -6.79 4.79
N ALA A 100 -9.87 -7.93 5.04
CA ALA A 100 -11.25 -8.16 4.66
C ALA A 100 -11.92 -9.06 5.69
N GLU A 101 -13.03 -8.58 6.25
CA GLU A 101 -13.89 -9.37 7.17
C GLU A 101 -13.11 -10.10 8.29
N GLY A 102 -12.23 -9.35 8.95
CA GLY A 102 -11.51 -9.88 10.13
C GLY A 102 -10.25 -10.66 9.85
N LYS A 103 -9.91 -10.83 8.57
CA LYS A 103 -8.67 -11.46 8.18
C LYS A 103 -7.69 -10.45 7.56
N ILE A 104 -6.42 -10.60 7.89
CA ILE A 104 -5.34 -9.83 7.28
C ILE A 104 -4.68 -10.69 6.23
N TYR A 105 -4.73 -10.26 4.98
CA TYR A 105 -4.13 -10.97 3.87
C TYR A 105 -2.78 -10.38 3.49
N THR A 106 -1.86 -11.27 3.17
CA THR A 106 -0.50 -10.90 2.72
C THR A 106 -0.19 -11.63 1.45
N SER A 107 0.34 -10.92 0.46
CA SER A 107 0.61 -11.50 -0.87
C SER A 107 1.95 -11.14 -1.43
N GLY A 108 2.53 -12.10 -2.12
CA GLY A 108 3.72 -11.88 -2.88
C GLY A 108 4.91 -11.51 -2.04
N GLY A 109 5.81 -10.73 -2.65
CA GLY A 109 7.08 -10.36 -2.00
C GLY A 109 8.20 -11.30 -2.41
N SER A 110 9.36 -11.10 -1.80
CA SER A 110 10.58 -11.80 -2.16
C SER A 110 11.24 -12.29 -0.90
N GLU A 111 11.86 -13.45 -0.99
CA GLU A 111 12.78 -13.95 0.02
C GLU A 111 14.19 -13.82 -0.59
N VAL A 112 15.19 -14.25 0.16
CA VAL A 112 16.50 -14.52 -0.43
C VAL A 112 16.35 -15.72 -1.41
N GLY A 113 16.93 -15.61 -2.60
CA GLY A 113 16.89 -16.71 -3.58
C GLY A 113 15.59 -16.79 -4.39
N ASN A 114 14.78 -15.74 -4.34
CA ASN A 114 13.59 -15.70 -5.17
C ASN A 114 13.16 -14.24 -5.40
N SER A 115 13.14 -13.82 -6.66
CA SER A 115 12.77 -12.44 -7.04
C SER A 115 11.32 -12.12 -6.70
N ALA A 116 10.41 -13.10 -6.85
CA ALA A 116 9.02 -12.86 -6.53
C ALA A 116 8.23 -14.12 -6.25
N LEU A 117 7.31 -14.05 -5.27
CA LEU A 117 6.50 -15.19 -4.86
C LEU A 117 5.02 -15.03 -5.24
N TYR A 118 4.34 -16.16 -5.39
CA TYR A 118 2.89 -16.28 -5.60
CA TYR A 118 2.88 -16.08 -5.56
C TYR A 118 2.11 -16.34 -4.25
N LEU A 119 2.86 -16.46 -3.15
CA LEU A 119 2.35 -16.83 -1.84
C LEU A 119 1.28 -15.90 -1.33
N PHE A 120 0.26 -16.49 -0.72
CA PHE A 120 -0.88 -15.76 -0.18
C PHE A 120 -1.20 -16.39 1.18
N GLU A 121 -1.04 -15.63 2.25
CA GLU A 121 -1.21 -16.13 3.64
C GLU A 121 -2.10 -15.15 4.39
N CYS A 122 -3.04 -15.64 5.20
CA CYS A 122 -3.86 -14.71 5.96
C CYS A 122 -3.91 -15.03 7.43
N TYR A 123 -4.09 -13.96 8.21
CA TYR A 123 -4.12 -13.99 9.65
C TYR A 123 -5.54 -13.74 10.08
N ASP A 124 -6.10 -14.67 10.85
CA ASP A 124 -7.46 -14.53 11.37
C ASP A 124 -7.36 -13.77 12.68
N THR A 125 -7.84 -12.52 12.70
CA THR A 125 -7.66 -11.67 13.89
C THR A 125 -8.47 -12.15 15.10
N ARG A 126 -9.49 -12.96 14.86
CA ARG A 126 -10.33 -13.51 15.95
C ARG A 126 -9.63 -14.68 16.64
N THR A 127 -9.19 -15.67 15.84
CA THR A 127 -8.48 -16.86 16.36
C THR A 127 -6.95 -16.66 16.52
N GLU A 128 -6.42 -15.56 15.99
CA GLU A 128 -4.99 -15.24 16.08
C GLU A 128 -4.13 -16.36 15.48
N SER A 129 -4.56 -16.83 14.31
CA SER A 129 -3.85 -17.89 13.63
C SER A 129 -3.64 -17.56 12.16
N TRP A 130 -2.55 -18.10 11.61
CA TRP A 130 -2.19 -17.92 10.23
C TRP A 130 -2.57 -19.12 9.37
N HIS A 131 -2.96 -18.85 8.12
CA HIS A 131 -3.46 -19.85 7.20
C HIS A 131 -2.95 -19.57 5.79
N THR A 132 -2.45 -20.59 5.12
CA THR A 132 -2.06 -20.47 3.73
C THR A 132 -3.29 -20.58 2.85
N LYS A 133 -3.42 -19.66 1.89
CA LYS A 133 -4.55 -19.61 0.98
C LYS A 133 -4.08 -19.83 -0.44
N PRO A 134 -5.03 -20.03 -1.39
CA PRO A 134 -4.61 -20.24 -2.77
C PRO A 134 -3.70 -19.14 -3.29
N SER A 135 -2.67 -19.56 -3.99
CA SER A 135 -1.64 -18.65 -4.49
C SER A 135 -2.16 -17.79 -5.63
N MET A 136 -1.58 -16.60 -5.77
CA MET A 136 -1.84 -15.76 -6.95
C MET A 136 -1.48 -16.48 -8.23
N LEU A 137 -2.11 -16.03 -9.30
CA LEU A 137 -1.86 -16.56 -10.65
C LEU A 137 -0.46 -16.15 -11.18
N THR A 138 0.00 -14.95 -10.79
CA THR A 138 1.33 -14.43 -11.17
C THR A 138 2.07 -13.98 -9.93
N GLN A 139 3.30 -14.44 -9.79
CA GLN A 139 4.16 -14.04 -8.72
C GLN A 139 4.46 -12.55 -8.87
N ARG A 140 4.61 -11.86 -7.75
CA ARG A 140 4.87 -10.41 -7.78
C ARG A 140 5.42 -9.84 -6.48
N CYS A 141 6.29 -8.82 -6.62
CA CYS A 141 6.81 -7.95 -5.54
CA CYS A 141 6.59 -7.97 -5.48
C CYS A 141 6.44 -6.51 -5.85
N SER A 142 6.28 -5.68 -4.83
CA SER A 142 6.12 -4.24 -5.00
C SER A 142 4.85 -3.90 -5.73
N HIS A 143 3.90 -4.82 -5.65
CA HIS A 143 2.58 -4.65 -6.18
C HIS A 143 1.67 -3.95 -5.19
N GLY A 144 0.55 -3.47 -5.70
CA GLY A 144 -0.55 -3.00 -4.81
C GLY A 144 -1.57 -4.07 -4.53
N MET A 145 -2.19 -4.00 -3.34
CA MET A 145 -3.29 -4.88 -3.00
C MET A 145 -4.32 -4.10 -2.22
N VAL A 146 -5.57 -4.19 -2.63
CA VAL A 146 -6.65 -3.44 -1.97
C VAL A 146 -7.92 -4.26 -1.86
N GLU A 147 -8.62 -4.06 -0.77
CA GLU A 147 -9.96 -4.63 -0.63
C GLU A 147 -11.04 -3.69 -1.22
N ALA A 148 -11.99 -4.29 -1.92
CA ALA A 148 -13.10 -3.55 -2.50
C ALA A 148 -14.34 -4.42 -2.52
N ASN A 149 -15.37 -4.03 -1.75
CA ASN A 149 -16.64 -4.78 -1.67
C ASN A 149 -16.46 -6.27 -1.31
N GLY A 150 -15.51 -6.58 -0.43
CA GLY A 150 -15.29 -7.96 -0.03
C GLY A 150 -14.30 -8.76 -0.87
N LEU A 151 -13.87 -8.21 -2.00
CA LEU A 151 -12.91 -8.86 -2.91
C LEU A 151 -11.55 -8.21 -2.71
N ILE A 152 -10.52 -8.97 -3.04
CA ILE A 152 -9.15 -8.52 -2.84
C ILE A 152 -8.48 -8.44 -4.20
N TYR A 153 -8.07 -7.24 -4.56
CA TYR A 153 -7.49 -6.95 -5.88
C TYR A 153 -6.02 -6.74 -5.75
N VAL A 154 -5.27 -7.35 -6.66
CA VAL A 154 -3.84 -7.12 -6.80
CA VAL A 154 -3.85 -7.02 -6.80
C VAL A 154 -3.56 -6.59 -8.21
N CYS A 155 -2.63 -5.65 -8.35
CA CYS A 155 -2.15 -5.26 -9.65
C CYS A 155 -0.74 -4.76 -9.63
N GLY A 156 -0.11 -5.00 -10.73
CA GLY A 156 1.26 -4.58 -11.01
C GLY A 156 2.27 -5.30 -10.13
N GLY A 157 3.34 -4.59 -9.81
CA GLY A 157 4.50 -5.19 -9.18
C GLY A 157 5.51 -5.65 -10.22
N SER A 158 6.53 -6.37 -9.76
CA SER A 158 7.54 -6.89 -10.65
C SER A 158 7.86 -8.33 -10.37
N LEU A 159 8.55 -8.96 -11.32
CA LEU A 159 9.19 -10.27 -11.09
C LEU A 159 10.57 -10.23 -11.78
N GLY A 160 11.49 -11.06 -11.31
CA GLY A 160 12.85 -11.10 -11.84
C GLY A 160 13.68 -9.94 -11.34
N ASN A 161 14.91 -9.81 -11.85
CA ASN A 161 15.79 -8.70 -11.43
C ASN A 161 15.66 -7.44 -12.33
N ASN A 162 16.47 -6.40 -12.05
CA ASN A 162 16.42 -5.15 -12.81
C ASN A 162 17.04 -5.23 -14.22
N VAL A 163 17.64 -6.37 -14.57
CA VAL A 163 18.26 -6.53 -15.91
C VAL A 163 17.33 -7.35 -16.84
N SER A 164 16.89 -8.51 -16.37
CA SER A 164 16.12 -9.45 -17.20
C SER A 164 14.67 -9.63 -16.73
N GLY A 165 14.33 -9.00 -15.61
CA GLY A 165 12.96 -9.06 -15.08
C GLY A 165 12.05 -8.07 -15.76
N ARG A 166 10.84 -7.91 -15.21
CA ARG A 166 9.92 -6.97 -15.79
C ARG A 166 8.87 -6.53 -14.79
N VAL A 167 8.36 -5.33 -15.03
CA VAL A 167 7.27 -4.77 -14.28
C VAL A 167 5.96 -5.14 -14.97
N LEU A 168 4.96 -5.45 -14.17
CA LEU A 168 3.72 -6.07 -14.65
C LEU A 168 2.57 -5.07 -14.82
N ASN A 169 1.71 -5.30 -15.83
CA ASN A 169 0.46 -4.56 -15.85
CA ASN A 169 0.41 -4.62 -16.02
C ASN A 169 -0.71 -5.43 -15.38
N SER A 170 -0.46 -6.70 -15.12
CA SER A 170 -1.55 -7.61 -14.83
C SER A 170 -2.25 -7.34 -13.50
N CYS A 171 -3.53 -7.68 -13.50
CA CYS A 171 -4.42 -7.47 -12.37
C CYS A 171 -5.18 -8.76 -12.14
N GLU A 172 -5.34 -9.16 -10.88
CA GLU A 172 -6.16 -10.30 -10.56
C GLU A 172 -6.92 -10.06 -9.27
N VAL A 173 -8.00 -10.83 -9.08
CA VAL A 173 -8.89 -10.62 -7.92
C VAL A 173 -9.18 -11.94 -7.22
N TYR A 174 -9.13 -11.92 -5.88
CA TYR A 174 -9.39 -13.06 -5.06
C TYR A 174 -10.72 -12.85 -4.35
N ASP A 175 -11.61 -13.85 -4.41
CA ASP A 175 -12.86 -13.80 -3.72
C ASP A 175 -12.78 -14.75 -2.52
N PRO A 176 -12.79 -14.22 -1.30
CA PRO A 176 -12.69 -15.12 -0.14
C PRO A 176 -13.82 -16.18 -0.08
N ALA A 177 -14.96 -15.87 -0.68
CA ALA A 177 -16.09 -16.79 -0.67
C ALA A 177 -15.81 -18.03 -1.50
N THR A 178 -15.10 -17.85 -2.62
CA THR A 178 -14.82 -18.95 -3.57
C THR A 178 -13.40 -19.48 -3.44
N GLU A 179 -12.55 -18.74 -2.72
CA GLU A 179 -11.10 -19.00 -2.62
C GLU A 179 -10.47 -19.18 -3.98
N THR A 180 -10.90 -18.33 -4.92
CA THR A 180 -10.38 -18.37 -6.27
C THR A 180 -9.80 -17.01 -6.71
N TRP A 181 -8.66 -17.07 -7.40
CA TRP A 181 -8.10 -15.93 -8.13
C TRP A 181 -8.60 -15.91 -9.56
N THR A 182 -9.02 -14.74 -10.02
CA THR A 182 -9.47 -14.51 -11.40
C THR A 182 -8.65 -13.40 -12.06
N GLU A 183 -8.13 -13.69 -13.26
CA GLU A 183 -7.42 -12.70 -14.06
C GLU A 183 -8.42 -11.64 -14.56
N LEU A 184 -8.06 -10.38 -14.36
CA LEU A 184 -8.85 -9.26 -14.81
C LEU A 184 -8.16 -8.54 -15.98
N CYS A 185 -8.83 -7.53 -16.52
CA CYS A 185 -8.22 -6.67 -17.51
C CYS A 185 -6.92 -6.09 -16.96
N PRO A 186 -5.84 -6.13 -17.76
CA PRO A 186 -4.59 -5.54 -17.29
C PRO A 186 -4.63 -3.99 -17.30
N MET A 187 -3.81 -3.41 -16.45
CA MET A 187 -3.65 -1.94 -16.42
C MET A 187 -3.13 -1.47 -17.77
N ILE A 188 -3.40 -0.19 -18.07
CA ILE A 188 -2.84 0.44 -19.26
C ILE A 188 -1.32 0.55 -19.16
N GLU A 189 -0.83 0.88 -17.95
CA GLU A 189 0.58 1.04 -17.67
C GLU A 189 1.06 -0.12 -16.81
N ALA A 190 2.25 -0.65 -17.11
CA ALA A 190 2.93 -1.50 -16.13
C ALA A 190 3.35 -0.59 -14.97
N ARG A 191 3.19 -1.05 -13.73
CA ARG A 191 3.49 -0.22 -12.54
C ARG A 191 3.94 -1.09 -11.40
N LYS A 192 4.95 -0.60 -10.68
CA LYS A 192 5.27 -1.07 -9.34
C LYS A 192 5.45 0.16 -8.47
N ASN A 193 5.36 -0.03 -7.16
CA ASN A 193 5.46 1.06 -6.19
C ASN A 193 4.45 2.18 -6.38
N HIS A 194 3.33 1.84 -7.00
CA HIS A 194 2.21 2.71 -7.25
C HIS A 194 1.28 2.72 -6.04
N GLY A 195 0.48 3.76 -5.95
CA GLY A 195 -0.62 3.78 -5.02
C GLY A 195 -1.76 2.96 -5.59
N LEU A 196 -2.60 2.44 -4.71
CA LEU A 196 -3.74 1.60 -5.14
C LEU A 196 -4.80 1.77 -4.10
N VAL A 197 -5.87 2.47 -4.51
CA VAL A 197 -6.92 2.88 -3.59
C VAL A 197 -8.28 2.70 -4.18
N PHE A 198 -9.20 2.27 -3.35
CA PHE A 198 -10.61 2.05 -3.74
C PHE A 198 -11.45 3.27 -3.33
N VAL A 199 -12.10 3.89 -4.31
CA VAL A 199 -13.00 5.01 -4.07
C VAL A 199 -14.28 4.77 -4.83
N LYS A 200 -15.35 4.50 -4.05
CA LYS A 200 -16.74 4.36 -4.54
C LYS A 200 -16.97 3.06 -5.32
N ASP A 201 -16.53 3.03 -6.57
CA ASP A 201 -16.78 1.90 -7.45
C ASP A 201 -15.61 1.72 -8.40
N LYS A 202 -14.47 2.29 -8.01
CA LYS A 202 -13.30 2.35 -8.87
CA LYS A 202 -13.28 2.38 -8.86
C LYS A 202 -12.05 2.14 -8.04
N ILE A 203 -11.04 1.51 -8.66
CA ILE A 203 -9.75 1.33 -8.01
C ILE A 203 -8.69 2.12 -8.80
N PHE A 204 -8.13 3.16 -8.16
CA PHE A 204 -7.16 4.03 -8.78
C PHE A 204 -5.75 3.51 -8.55
N ALA A 205 -5.00 3.36 -9.64
CA ALA A 205 -3.61 3.09 -9.60
C ALA A 205 -2.89 4.40 -9.88
N VAL A 206 -2.03 4.81 -8.94
CA VAL A 206 -1.48 6.16 -8.93
C VAL A 206 0.03 6.10 -9.05
N GLY A 207 0.53 6.57 -10.18
CA GLY A 207 1.96 6.71 -10.35
C GLY A 207 2.70 5.41 -10.26
N GLY A 208 3.82 5.46 -9.54
CA GLY A 208 4.77 4.37 -9.42
C GLY A 208 5.84 4.49 -10.48
N GLN A 209 6.35 3.35 -10.91
CA GLN A 209 7.44 3.28 -11.89
C GLN A 209 7.38 1.98 -12.68
N ASN A 210 8.05 1.97 -13.80
CA ASN A 210 8.25 0.70 -14.52
C ASN A 210 9.63 0.62 -15.10
N GLY A 211 9.85 -0.30 -16.03
CA GLY A 211 11.18 -0.51 -16.57
C GLY A 211 11.74 0.68 -17.31
N LEU A 212 10.87 1.58 -17.73
CA LEU A 212 11.28 2.72 -18.52
C LEU A 212 11.34 4.03 -17.69
N GLY A 213 11.07 3.95 -16.40
CA GLY A 213 11.19 5.10 -15.54
C GLY A 213 9.98 5.33 -14.65
N GLY A 214 9.91 6.52 -14.06
CA GLY A 214 8.82 6.91 -13.18
C GLY A 214 7.57 7.28 -13.94
N LEU A 215 6.47 7.42 -13.21
CA LEU A 215 5.16 7.67 -13.81
C LEU A 215 4.43 8.79 -13.08
N ASP A 216 3.98 9.80 -13.83
CA ASP A 216 3.06 10.79 -13.28
C ASP A 216 1.63 10.41 -13.50
N ASN A 217 1.38 9.39 -14.33
CA ASN A 217 0.03 9.14 -14.76
C ASN A 217 -0.77 8.26 -13.80
N VAL A 218 -2.06 8.26 -14.03
CA VAL A 218 -3.04 7.74 -13.10
C VAL A 218 -4.14 7.08 -13.89
N GLU A 219 -4.56 5.92 -13.44
CA GLU A 219 -5.65 5.23 -14.11
C GLU A 219 -6.55 4.59 -13.09
N TYR A 220 -7.76 4.22 -13.49
CA TYR A 220 -8.63 3.48 -12.58
C TYR A 220 -9.24 2.26 -13.24
N TYR A 221 -9.56 1.29 -12.39
CA TYR A 221 -10.22 0.08 -12.78
C TYR A 221 -11.70 0.23 -12.51
N ASP A 222 -12.49 0.14 -13.58
CA ASP A 222 -13.94 0.14 -13.50
C ASP A 222 -14.38 -1.27 -13.18
N ILE A 223 -14.76 -1.49 -11.94
CA ILE A 223 -15.13 -2.82 -11.48
C ILE A 223 -16.28 -3.43 -12.28
N LYS A 224 -17.29 -2.62 -12.59
CA LYS A 224 -18.43 -3.06 -13.36
C LYS A 224 -18.11 -3.41 -14.79
N LEU A 225 -17.25 -2.62 -15.46
CA LEU A 225 -16.94 -2.82 -16.89
C LEU A 225 -15.72 -3.74 -17.12
N ASN A 226 -14.93 -4.01 -16.07
CA ASN A 226 -13.68 -4.75 -16.21
C ASN A 226 -12.77 -4.08 -17.26
N GLU A 227 -12.57 -2.78 -17.07
CA GLU A 227 -11.72 -1.98 -17.96
C GLU A 227 -10.96 -0.99 -17.12
N TRP A 228 -9.77 -0.66 -17.58
CA TRP A 228 -8.99 0.41 -17.00
C TRP A 228 -9.04 1.63 -17.91
N LYS A 229 -9.08 2.82 -17.27
CA LYS A 229 -9.19 4.09 -17.96
C LYS A 229 -8.25 5.10 -17.33
N MET A 230 -7.52 5.84 -18.18
CA MET A 230 -6.67 6.95 -17.72
C MET A 230 -7.51 8.14 -17.24
N VAL A 231 -7.03 8.78 -16.18
CA VAL A 231 -7.55 10.05 -15.72
C VAL A 231 -6.44 11.09 -15.75
N SER A 232 -6.64 12.25 -15.13
CA SER A 232 -5.65 13.31 -15.17
C SER A 232 -4.41 12.90 -14.40
N PRO A 233 -3.23 13.31 -14.90
CA PRO A 233 -1.99 12.94 -14.22
C PRO A 233 -1.67 13.80 -13.04
N MET A 234 -0.85 13.26 -12.14
CA MET A 234 -0.32 14.02 -11.02
C MET A 234 0.56 15.14 -11.52
N PRO A 235 0.64 16.25 -10.76
CA PRO A 235 1.57 17.35 -11.10
C PRO A 235 3.08 17.05 -10.84
N TRP A 236 3.39 15.83 -10.39
CA TRP A 236 4.70 15.44 -9.96
C TRP A 236 5.01 14.09 -10.59
N LYS A 237 6.19 13.94 -11.11
CA LYS A 237 6.63 12.66 -11.73
C LYS A 237 7.81 12.09 -10.97
N GLY A 238 7.56 11.01 -10.25
CA GLY A 238 8.59 10.32 -9.49
C GLY A 238 8.47 8.81 -9.69
N VAL A 239 9.08 8.05 -8.79
CA VAL A 239 9.14 6.58 -8.96
C VAL A 239 8.39 5.78 -7.89
N THR A 240 8.10 6.40 -6.73
CA THR A 240 7.26 5.75 -5.72
C THR A 240 6.24 6.75 -5.18
N VAL A 241 5.10 6.24 -4.78
CA VAL A 241 4.12 7.09 -4.11
CA VAL A 241 3.96 7.02 -4.26
C VAL A 241 3.52 6.40 -2.93
N LYS A 242 3.24 7.22 -1.92
CA LYS A 242 2.56 6.75 -0.71
CA LYS A 242 2.57 6.75 -0.72
C LYS A 242 1.25 7.50 -0.67
N CYS A 243 0.15 6.77 -0.88
CA CYS A 243 -1.17 7.29 -1.24
CA CYS A 243 -1.12 7.47 -0.92
C CYS A 243 -2.25 6.69 -0.34
N ALA A 244 -3.30 7.45 -0.05
CA ALA A 244 -4.47 6.93 0.61
C ALA A 244 -5.68 7.79 0.30
N ALA A 245 -6.86 7.18 0.27
CA ALA A 245 -8.08 7.90 -0.01
C ALA A 245 -8.95 8.00 1.23
N VAL A 246 -9.51 9.20 1.43
CA VAL A 246 -10.52 9.42 2.46
C VAL A 246 -11.67 10.15 1.76
N GLY A 247 -12.84 9.56 1.82
CA GLY A 247 -13.97 10.09 1.11
C GLY A 247 -13.69 10.07 -0.39
N SER A 248 -13.94 11.21 -1.03
CA SER A 248 -13.78 11.29 -2.47
CA SER A 248 -13.80 11.34 -2.48
C SER A 248 -12.38 11.81 -2.88
N ILE A 249 -11.51 12.07 -1.90
CA ILE A 249 -10.19 12.65 -2.18
C ILE A 249 -9.06 11.62 -2.00
N VAL A 250 -8.16 11.57 -2.98
CA VAL A 250 -6.94 10.77 -2.88
C VAL A 250 -5.78 11.67 -2.51
N TYR A 251 -5.06 11.30 -1.45
CA TYR A 251 -3.94 12.08 -0.92
C TYR A 251 -2.65 11.36 -1.20
N VAL A 252 -1.71 12.05 -1.84
CA VAL A 252 -0.33 11.55 -2.01
C VAL A 252 0.50 12.33 -0.97
N LEU A 253 0.96 11.61 0.05
CA LEU A 253 1.52 12.22 1.22
C LEU A 253 3.04 12.09 1.28
N ALA A 254 3.59 11.20 0.45
CA ALA A 254 5.05 11.07 0.32
C ALA A 254 5.38 10.41 -1.01
N GLY A 255 6.59 10.57 -1.45
CA GLY A 255 7.05 9.88 -2.64
C GLY A 255 8.51 10.17 -2.92
N PHE A 256 9.19 9.18 -3.48
CA PHE A 256 10.57 9.29 -3.92
C PHE A 256 10.58 9.63 -5.38
N GLN A 257 11.28 10.69 -5.73
CA GLN A 257 11.29 11.16 -7.10
C GLN A 257 12.22 10.36 -7.99
N GLY A 258 13.32 9.85 -7.42
CA GLY A 258 14.45 9.36 -8.20
C GLY A 258 15.73 10.08 -7.78
N VAL A 259 15.65 11.40 -7.63
N VAL A 259 15.61 11.40 -7.72
CA VAL A 259 16.77 12.18 -7.08
CA VAL A 259 16.59 12.28 -7.12
C VAL A 259 16.38 12.63 -5.67
C VAL A 259 15.76 13.27 -6.31
N GLY A 260 15.33 13.45 -5.60
N GLY A 260 15.76 13.10 -4.99
CA GLY A 260 14.83 13.93 -4.31
CA GLY A 260 14.90 13.91 -4.13
C GLY A 260 13.49 13.30 -3.96
C GLY A 260 13.52 13.30 -3.91
N ARG A 261 12.66 14.05 -3.25
CA ARG A 261 11.38 13.55 -2.79
C ARG A 261 10.27 14.53 -3.08
N LEU A 262 9.05 14.03 -2.98
CA LEU A 262 7.88 14.87 -3.00
C LEU A 262 7.97 15.85 -1.85
N GLY A 263 7.79 17.14 -2.16
CA GLY A 263 7.98 18.17 -1.17
C GLY A 263 6.71 18.62 -0.46
N HIS A 264 5.61 18.70 -1.21
CA HIS A 264 4.30 19.11 -0.69
C HIS A 264 3.26 18.11 -1.14
N ILE A 265 2.21 17.93 -0.33
CA ILE A 265 1.25 16.88 -0.62
C ILE A 265 0.48 17.18 -1.90
N LEU A 266 -0.02 16.12 -2.51
CA LEU A 266 -0.88 16.21 -3.67
C LEU A 266 -2.28 15.71 -3.29
N GLU A 267 -3.31 16.34 -3.84
CA GLU A 267 -4.69 15.97 -3.54
C GLU A 267 -5.44 15.82 -4.85
N TYR A 268 -6.14 14.69 -4.99
CA TYR A 268 -6.92 14.39 -6.20
C TYR A 268 -8.41 14.30 -5.85
N ASN A 269 -9.22 15.13 -6.50
CA ASN A 269 -10.66 15.07 -6.32
C ASN A 269 -11.23 14.11 -7.37
N THR A 270 -11.63 12.92 -6.93
CA THR A 270 -12.08 11.86 -7.85
C THR A 270 -13.37 12.26 -8.60
N GLU A 271 -14.16 13.17 -8.02
CA GLU A 271 -15.44 13.58 -8.62
C GLU A 271 -15.29 14.59 -9.72
N THR A 272 -14.23 15.41 -9.66
CA THR A 272 -13.95 16.46 -10.66
C THR A 272 -12.74 16.15 -11.57
N ASP A 273 -12.00 15.09 -11.22
CA ASP A 273 -10.77 14.72 -11.94
C ASP A 273 -9.73 15.87 -11.96
N LYS A 274 -9.51 16.46 -10.78
CA LYS A 274 -8.58 17.58 -10.62
C LYS A 274 -7.57 17.25 -9.56
N TRP A 275 -6.29 17.44 -9.92
CA TRP A 275 -5.18 17.41 -8.98
C TRP A 275 -4.76 18.80 -8.57
N VAL A 276 -4.37 18.94 -7.31
CA VAL A 276 -3.62 20.13 -6.85
C VAL A 276 -2.43 19.69 -6.01
N ALA A 277 -1.33 20.45 -6.05
CA ALA A 277 -0.27 20.33 -5.09
C ALA A 277 -0.55 21.40 -4.01
N ASN A 278 -0.58 20.99 -2.75
CA ASN A 278 -0.94 21.89 -1.67
C ASN A 278 0.30 22.57 -1.13
N SER A 279 0.50 23.83 -1.51
CA SER A 279 1.73 24.56 -1.15
C SER A 279 1.89 24.85 0.35
N LYS A 280 0.81 24.67 1.12
CA LYS A 280 0.82 24.94 2.57
C LYS A 280 1.08 23.72 3.42
N VAL A 281 1.11 22.54 2.80
CA VAL A 281 1.25 21.29 3.53
C VAL A 281 2.43 20.47 2.97
N ARG A 282 3.48 20.36 3.78
CA ARG A 282 4.64 19.57 3.39
C ARG A 282 4.33 18.09 3.41
N ALA A 283 4.95 17.39 2.47
CA ALA A 283 4.88 15.94 2.39
C ALA A 283 5.78 15.33 3.46
N PHE A 284 5.50 14.07 3.77
CA PHE A 284 6.22 13.33 4.79
C PHE A 284 7.64 13.08 4.25
N PRO A 285 8.67 13.30 5.09
CA PRO A 285 10.04 13.23 4.56
C PRO A 285 10.62 11.80 4.48
N VAL A 286 9.96 10.85 5.11
CA VAL A 286 10.34 9.43 5.04
C VAL A 286 9.60 8.78 3.89
N THR A 287 10.27 8.71 2.75
CA THR A 287 9.62 8.28 1.50
C THR A 287 9.32 6.80 1.48
N SER A 288 10.05 6.01 2.27
CA SER A 288 9.80 4.57 2.35
C SER A 288 8.90 4.17 3.53
N CYS A 289 8.05 5.09 3.97
CA CYS A 289 7.17 4.84 5.08
C CYS A 289 6.08 3.86 4.68
N LEU A 290 5.46 3.28 5.70
CA LEU A 290 4.22 2.55 5.56
C LEU A 290 3.06 3.52 5.74
N ILE A 291 1.98 3.28 5.00
CA ILE A 291 0.81 4.17 5.03
C ILE A 291 -0.49 3.37 5.04
N CYS A 292 -1.46 3.81 5.83
CA CYS A 292 -2.78 3.22 5.82
C CYS A 292 -3.80 4.20 6.36
N VAL A 293 -5.06 3.96 6.05
CA VAL A 293 -6.15 4.76 6.60
C VAL A 293 -6.61 4.11 7.88
N VAL A 294 -6.73 4.91 8.94
CA VAL A 294 -7.24 4.43 10.22
C VAL A 294 -8.57 5.12 10.54
N ASP A 295 -9.45 4.41 11.23
CA ASP A 295 -10.56 5.00 11.97
C ASP A 295 -10.21 5.08 13.49
N THR A 296 -10.27 6.29 14.06
CA THR A 296 -9.87 6.49 15.48
C THR A 296 -11.05 6.40 16.48
N CYS A 297 -12.22 5.97 16.02
CA CYS A 297 -13.45 5.95 16.87
C CYS A 297 -13.45 4.88 17.99
C1 EDO B . 7.90 7.95 15.95
O1 EDO B . 7.17 9.20 15.83
C2 EDO B . 8.95 8.02 17.06
O2 EDO B . 8.41 7.75 18.36
C1 EDO C . 4.60 3.99 23.40
O1 EDO C . 3.47 3.20 23.01
C2 EDO C . 4.07 5.13 24.26
O2 EDO C . 3.58 4.63 25.53
C1 EDO D . 8.09 12.24 19.45
O1 EDO D . 9.51 12.06 19.35
C2 EDO D . 7.36 11.21 18.60
O2 EDO D . 7.59 11.48 17.20
C1 EDO E . 5.23 16.11 7.65
O1 EDO E . 5.73 15.43 8.83
C2 EDO E . 6.24 17.12 7.16
O2 EDO E . 6.57 18.00 8.26
C1 EDO F . -9.03 3.11 -0.06
O1 EDO F . -8.43 1.89 -0.57
C2 EDO F . -8.21 3.71 1.09
O2 EDO F . -6.97 4.30 0.64
C1 EDO G . 8.45 1.41 9.12
O1 EDO G . 8.89 0.11 9.54
C2 EDO G . 8.80 1.67 7.65
O2 EDO G . 10.23 1.67 7.46
C1 EDO H . 8.16 -0.12 4.32
O1 EDO H . 9.10 -0.88 5.08
C2 EDO H . 8.72 0.37 3.01
O2 EDO H . 7.63 0.79 2.18
C1 EDO I . 12.01 4.56 -1.25
O1 EDO I . 12.28 5.76 -0.54
C2 EDO I . 10.81 4.75 -2.15
O2 EDO I . 9.57 4.97 -1.40
C1 EDO J . 8.70 16.93 -10.61
O1 EDO J . 7.77 16.37 -11.53
C2 EDO J . 9.59 15.83 -10.08
O2 EDO J . 10.26 15.16 -11.15
C1 EDO K . 11.20 10.01 -12.36
O1 EDO K . 12.53 9.66 -11.89
C2 EDO K . 11.11 9.94 -13.88
O2 EDO K . 11.70 8.71 -14.33
C1 EDO L . 8.71 -3.73 -18.31
O1 EDO L . 9.54 -3.75 -17.13
C2 EDO L . 7.58 -2.72 -18.19
O2 EDO L . 8.07 -1.38 -18.04
C1 EDO M . 16.54 4.02 13.65
O1 EDO M . 16.05 4.39 14.95
C2 EDO M . 15.45 4.20 12.59
O2 EDO M . 14.15 3.90 13.11
C1 EDO N . 14.39 8.21 2.76
O1 EDO N . 13.35 9.12 2.41
C2 EDO N . 13.92 7.37 3.92
O2 EDO N . 12.78 6.62 3.48
C1 EDO O . 12.14 -12.61 15.65
O1 EDO O . 10.99 -13.45 15.70
C2 EDO O . 11.80 -11.35 14.85
O2 EDO O . 12.47 -11.35 13.58
C1 EDO P . 15.42 -9.89 11.99
O1 EDO P . 16.24 -10.73 12.82
C2 EDO P . 15.93 -8.45 12.04
O2 EDO P . 17.33 -8.39 11.67
C1 EDO Q . 4.96 -20.21 -3.41
O1 EDO Q . 3.68 -20.47 -2.83
C2 EDO Q . 5.09 -18.75 -3.64
O2 EDO Q . 5.93 -18.45 -4.72
C1 EDO R . 0.18 -15.11 16.73
O1 EDO R . 1.33 -14.68 17.47
C2 EDO R . 0.61 -16.03 15.58
O2 EDO R . 1.22 -17.25 16.07
C1 EDO S . -17.33 -12.32 0.26
O1 EDO S . -18.71 -12.63 0.45
C2 EDO S . -17.13 -11.66 -1.09
O2 EDO S . -17.64 -12.50 -2.10
C1 EDO T . 1.27 -21.56 -8.93
O1 EDO T . 1.51 -22.50 -7.89
C2 EDO T . 0.31 -20.46 -8.46
O2 EDO T . -0.10 -19.63 -9.56
C1 EDO U . -22.22 0.96 -8.58
O1 EDO U . -21.77 1.02 -7.22
C2 EDO U . -21.27 0.12 -9.39
O2 EDO U . -21.79 -1.19 -9.62
C1 EDO V . 6.90 3.89 -22.04
O1 EDO V . 7.82 4.61 -21.19
C2 EDO V . 6.45 4.80 -23.20
O2 EDO V . 5.54 5.84 -22.73
C1 EDO W . -8.27 18.29 -4.94
O1 EDO W . -9.33 18.59 -4.01
C2 EDO W . -8.48 19.05 -6.24
O2 EDO W . -8.62 20.46 -5.95
C1 EDO X . 8.01 -18.11 -6.96
O1 EDO X . 9.16 -17.69 -7.71
C2 EDO X . 7.86 -19.63 -6.99
O2 EDO X . 8.06 -20.11 -8.33
C1 EDO Y . 3.63 21.29 7.40
O1 EDO Y . 2.52 20.61 6.82
C2 EDO Y . 4.37 20.29 8.25
O2 EDO Y . 5.34 20.96 9.05
C1 EDO Z . -0.17 21.96 -9.30
O1 EDO Z . 1.25 21.86 -9.41
C2 EDO Z . -0.52 23.14 -8.41
O2 EDO Z . -1.66 22.81 -7.63
#